data_3U0C
#
_entry.id   3U0C
#
_cell.length_a   52.419
_cell.length_b   28.379
_cell.length_c   104.806
_cell.angle_alpha   90.00
_cell.angle_beta   95.99
_cell.angle_gamma   90.00
#
_symmetry.space_group_name_H-M   'P 1 21 1'
#
loop_
_entity.id
_entity.type
_entity.pdbx_description
1 polymer 'Invasin ipaB'
2 water water
#
_entity_poly.entity_id   1
_entity_poly.type   'polypeptide(L)'
_entity_poly.pdbx_seq_one_letter_code
;GSQAANDAANKLFSLTIADLTANQNINTTNAHSTSNILIPELKAPKSLNASSQLTLLIGNLIQILGEKSLTALTNKITAW
KSQQQARQQKNLEFSDKINTLLSETEGLTRDYEKQINKLKNADSKIKDLENKINQIQTRLSELDPESPEKKKLSREEIQL
TIKKDAAVKDRTLIEQKTLSIHSKLTDKSMQLEKEIDSFSA
;
_entity_poly.pdbx_strand_id   A,B
#
# COMPACT_ATOMS: atom_id res chain seq x y z
N ASN A 49 -12.43 -6.48 0.96
CA ASN A 49 -11.50 -6.26 -0.14
C ASN A 49 -11.94 -5.03 -0.98
N ALA A 50 -11.23 -3.91 -0.82
CA ALA A 50 -11.64 -2.65 -1.45
C ALA A 50 -11.89 -2.77 -2.95
N SER A 51 -10.98 -3.50 -3.60
CA SER A 51 -11.04 -3.65 -5.04
C SER A 51 -12.30 -4.37 -5.50
N SER A 52 -12.67 -5.44 -4.81
CA SER A 52 -13.84 -6.20 -5.20
C SER A 52 -15.10 -5.38 -4.93
N GLN A 53 -15.13 -4.75 -3.75
CA GLN A 53 -16.25 -3.85 -3.45
C GLN A 53 -16.40 -2.76 -4.51
N LEU A 54 -15.29 -2.15 -4.89
CA LEU A 54 -15.28 -1.12 -5.93
C LEU A 54 -15.85 -1.65 -7.25
N THR A 55 -15.47 -2.87 -7.61
CA THR A 55 -15.99 -3.49 -8.82
C THR A 55 -17.51 -3.63 -8.75
N LEU A 56 -18.01 -3.99 -7.57
CA LEU A 56 -19.43 -4.15 -7.38
C LEU A 56 -20.11 -2.79 -7.50
N LEU A 57 -19.48 -1.78 -6.92
CA LEU A 57 -20.05 -0.44 -6.91
C LEU A 57 -20.22 0.12 -8.32
N ILE A 58 -19.13 0.12 -9.08
CA ILE A 58 -19.18 0.67 -10.41
C ILE A 58 -20.13 -0.18 -11.29
N GLY A 59 -20.11 -1.49 -11.08
CA GLY A 59 -21.03 -2.38 -11.74
C GLY A 59 -22.47 -1.96 -11.47
N ASN A 60 -22.79 -1.76 -10.20
CA ASN A 60 -24.10 -1.31 -9.77
C ASN A 60 -24.50 0.03 -10.37
N LEU A 61 -23.61 1.01 -10.30
CA LEU A 61 -23.87 2.33 -10.85
C LEU A 61 -24.17 2.22 -12.35
N ILE A 62 -23.34 1.45 -13.06
CA ILE A 62 -23.50 1.28 -14.50
C ILE A 62 -24.87 0.65 -14.86
N GLN A 63 -25.31 -0.30 -14.05
CA GLN A 63 -26.61 -0.95 -14.20
C GLN A 63 -27.73 0.04 -14.42
N ILE A 64 -27.82 1.04 -13.55
CA ILE A 64 -28.90 2.01 -13.63
C ILE A 64 -28.57 3.24 -14.50
N LEU A 65 -27.31 3.66 -14.45
CA LEU A 65 -26.90 4.94 -15.02
C LEU A 65 -26.35 4.84 -16.44
N GLY A 66 -25.98 3.63 -16.86
CA GLY A 66 -25.39 3.40 -18.16
C GLY A 66 -23.89 3.63 -18.13
N GLU A 67 -23.16 2.87 -18.93
CA GLU A 67 -21.69 2.95 -18.98
C GLU A 67 -21.15 4.17 -19.74
N LYS A 68 -21.93 4.69 -20.69
CA LYS A 68 -21.52 5.84 -21.50
C LYS A 68 -21.26 7.06 -20.62
N SER A 69 -22.18 7.31 -19.69
CA SER A 69 -22.07 8.49 -18.84
C SER A 69 -20.99 8.33 -17.76
N LEU A 70 -20.44 7.13 -17.63
CA LEU A 70 -19.51 6.82 -16.54
C LEU A 70 -18.17 6.33 -17.05
N THR A 71 -17.94 6.46 -18.33
CA THR A 71 -16.72 5.98 -18.96
C THR A 71 -15.46 6.52 -18.25
N ALA A 72 -15.53 7.78 -17.84
CA ALA A 72 -14.39 8.47 -17.24
C ALA A 72 -14.05 7.88 -15.89
N LEU A 73 -15.09 7.68 -15.08
CA LEU A 73 -14.93 7.04 -13.78
C LEU A 73 -14.41 5.61 -13.99
N THR A 74 -15.02 4.89 -14.93
CA THR A 74 -14.61 3.53 -15.26
C THR A 74 -13.11 3.46 -15.56
N ASN A 75 -12.64 4.46 -16.29
CA ASN A 75 -11.25 4.54 -16.67
C ASN A 75 -10.39 4.86 -15.47
N LYS A 76 -10.85 5.78 -14.64
CA LYS A 76 -10.13 6.09 -13.41
C LYS A 76 -9.99 4.85 -12.53
N ILE A 77 -11.06 4.06 -12.44
CA ILE A 77 -11.05 2.84 -11.65
C ILE A 77 -10.03 1.82 -12.15
N THR A 78 -9.90 1.69 -13.47
CA THR A 78 -8.90 0.81 -14.05
C THR A 78 -7.49 1.24 -13.61
N ALA A 79 -7.21 2.54 -13.68
CA ALA A 79 -5.92 3.08 -13.28
C ALA A 79 -5.62 2.75 -11.83
N TRP A 80 -6.60 3.04 -10.98
CA TRP A 80 -6.51 2.75 -9.56
C TRP A 80 -6.14 1.30 -9.29
N LYS A 81 -6.84 0.40 -9.97
CA LYS A 81 -6.62 -1.04 -9.82
C LYS A 81 -5.18 -1.35 -10.18
N SER A 82 -4.73 -0.80 -11.29
CA SER A 82 -3.38 -1.00 -11.78
C SER A 82 -2.35 -0.52 -10.77
N GLN A 83 -2.50 0.72 -10.31
CA GLN A 83 -1.64 1.31 -9.28
C GLN A 83 -1.60 0.41 -8.04
N GLN A 84 -2.76 -0.01 -7.57
CA GLN A 84 -2.83 -0.87 -6.40
C GLN A 84 -1.99 -2.12 -6.59
N GLN A 85 -2.04 -2.70 -7.79
CA GLN A 85 -1.30 -3.94 -8.07
C GLN A 85 0.22 -3.70 -8.15
N ALA A 86 0.61 -2.57 -8.71
CA ALA A 86 2.03 -2.20 -8.72
C ALA A 86 2.54 -1.90 -7.31
N ARG A 87 1.74 -1.18 -6.53
CA ARG A 87 2.11 -0.87 -5.14
C ARG A 87 2.25 -2.13 -4.31
N GLN A 88 1.43 -3.14 -4.59
CA GLN A 88 1.52 -4.41 -3.90
C GLN A 88 2.76 -5.18 -4.30
N GLN A 89 3.12 -5.12 -5.59
CA GLN A 89 4.38 -5.69 -6.07
C GLN A 89 5.60 -5.08 -5.34
N LYS A 90 5.67 -3.74 -5.33
CA LYS A 90 6.76 -3.03 -4.69
C LYS A 90 6.81 -3.38 -3.22
N ASN A 91 5.70 -3.22 -2.53
CA ASN A 91 5.64 -3.56 -1.12
C ASN A 91 6.27 -4.92 -0.79
N LEU A 92 5.91 -5.95 -1.54
CA LEU A 92 6.43 -7.31 -1.28
C LEU A 92 7.93 -7.39 -1.53
N GLU A 93 8.36 -6.76 -2.62
CA GLU A 93 9.72 -6.76 -3.08
C GLU A 93 10.61 -6.07 -2.06
N PHE A 94 10.17 -4.89 -1.64
CA PHE A 94 10.87 -4.08 -0.64
C PHE A 94 10.99 -4.81 0.69
N SER A 95 9.91 -5.44 1.10
CA SER A 95 9.91 -6.19 2.34
C SER A 95 10.96 -7.30 2.33
N ASP A 96 11.04 -8.04 1.22
CA ASP A 96 11.96 -9.16 1.13
C ASP A 96 13.39 -8.66 1.18
N LYS A 97 13.64 -7.60 0.42
CA LYS A 97 14.94 -7.00 0.29
C LYS A 97 15.45 -6.40 1.61
N ILE A 98 14.56 -5.68 2.28
CA ILE A 98 14.86 -5.15 3.60
C ILE A 98 15.25 -6.28 4.58
N ASN A 99 14.52 -7.38 4.52
CA ASN A 99 14.79 -8.53 5.39
C ASN A 99 16.17 -9.12 5.10
N THR A 100 16.48 -9.21 3.83
CA THR A 100 17.77 -9.69 3.39
C THR A 100 18.88 -8.73 3.84
N LEU A 101 18.72 -7.45 3.52
CA LEU A 101 19.74 -6.47 3.88
C LEU A 101 20.00 -6.50 5.39
N LEU A 102 18.91 -6.56 6.16
CA LEU A 102 18.99 -6.60 7.61
C LEU A 102 19.81 -7.79 8.08
N SER A 103 19.41 -8.98 7.65
CA SER A 103 20.08 -10.21 8.04
C SER A 103 21.56 -10.15 7.63
N GLU A 104 21.81 -9.70 6.40
CA GLU A 104 23.16 -9.56 5.88
C GLU A 104 23.98 -8.59 6.72
N THR A 105 23.36 -7.47 7.08
CA THR A 105 24.00 -6.48 7.93
C THR A 105 24.37 -7.06 9.31
N GLU A 106 23.49 -7.86 9.89
CA GLU A 106 23.77 -8.48 11.18
C GLU A 106 24.91 -9.47 11.12
N GLY A 107 24.98 -10.23 10.03
CA GLY A 107 26.06 -11.17 9.82
C GLY A 107 27.39 -10.45 9.70
N LEU A 108 27.43 -9.40 8.90
CA LEU A 108 28.63 -8.62 8.71
C LEU A 108 29.06 -7.88 9.98
N THR A 109 28.08 -7.52 10.81
CA THR A 109 28.39 -6.85 12.06
C THR A 109 29.11 -7.82 12.97
N ARG A 110 28.58 -9.04 13.06
CA ARG A 110 29.24 -10.09 13.82
C ARG A 110 30.65 -10.38 13.30
N ASP A 111 30.81 -10.38 11.98
CA ASP A 111 32.11 -10.64 11.38
C ASP A 111 33.09 -9.54 11.73
N TYR A 112 32.60 -8.31 11.65
CA TYR A 112 33.41 -7.15 11.97
C TYR A 112 33.96 -7.20 13.39
N GLU A 113 33.08 -7.51 14.33
CA GLU A 113 33.41 -7.62 15.75
C GLU A 113 34.39 -8.75 16.00
N LYS A 114 34.12 -9.89 15.38
CA LYS A 114 35.02 -11.03 15.48
C LYS A 114 36.43 -10.69 14.98
N GLN A 115 36.50 -9.97 13.87
CA GLN A 115 37.78 -9.58 13.28
C GLN A 115 38.52 -8.53 14.08
N ILE A 116 37.77 -7.56 14.60
CA ILE A 116 38.31 -6.54 15.50
C ILE A 116 38.96 -7.18 16.73
N ASN A 117 38.27 -8.15 17.33
CA ASN A 117 38.89 -8.88 18.44
C ASN A 117 40.15 -9.62 18.01
N LYS A 118 40.08 -10.28 16.85
CA LYS A 118 41.23 -11.00 16.30
C LYS A 118 42.42 -10.07 16.09
N LEU A 119 42.13 -8.84 15.68
CA LEU A 119 43.16 -7.86 15.38
C LEU A 119 43.83 -7.34 16.65
N LYS A 120 43.08 -7.32 17.75
CA LYS A 120 43.63 -6.92 19.02
C LYS A 120 44.59 -7.98 19.56
N ASN A 121 44.18 -9.24 19.46
CA ASN A 121 45.07 -10.32 19.83
C ASN A 121 46.36 -10.28 19.01
N ALA A 122 46.24 -9.86 17.75
CA ALA A 122 47.38 -9.79 16.86
C ALA A 122 48.33 -8.68 17.28
N ASP A 123 47.78 -7.52 17.64
CA ASP A 123 48.66 -6.48 18.15
C ASP A 123 49.33 -6.91 19.45
N SER A 124 48.66 -7.77 20.21
CA SER A 124 49.23 -8.32 21.44
C SER A 124 50.46 -9.19 21.17
N LYS A 125 50.23 -10.25 20.41
CA LYS A 125 51.29 -11.16 20.05
C LYS A 125 52.53 -10.38 19.63
N ILE A 126 52.33 -9.26 18.94
CA ILE A 126 53.45 -8.46 18.44
C ILE A 126 54.11 -7.67 19.54
N LYS A 127 53.31 -7.06 20.40
CA LYS A 127 53.86 -6.27 21.48
C LYS A 127 54.62 -7.19 22.43
N ASP A 128 54.31 -8.48 22.38
CA ASP A 128 54.96 -9.46 23.24
C ASP A 128 56.24 -9.98 22.62
N LEU A 129 56.22 -10.18 21.32
CA LEU A 129 57.44 -10.59 20.63
C LEU A 129 58.43 -9.45 20.57
N GLU A 130 57.95 -8.22 20.67
CA GLU A 130 58.85 -7.08 20.68
C GLU A 130 59.58 -7.01 22.01
N ASN A 131 58.88 -7.41 23.06
CA ASN A 131 59.46 -7.49 24.39
C ASN A 131 60.57 -8.54 24.48
N LYS A 132 60.27 -9.76 24.07
CA LYS A 132 61.24 -10.83 24.13
C LYS A 132 62.53 -10.46 23.40
N ILE A 133 62.38 -9.86 22.21
CA ILE A 133 63.50 -9.36 21.42
C ILE A 133 64.28 -8.25 22.13
N ASN A 134 63.60 -7.28 22.73
CA ASN A 134 64.33 -6.21 23.41
C ASN A 134 65.03 -6.74 24.65
N GLN A 135 64.30 -7.57 25.40
CA GLN A 135 64.85 -8.24 26.55
C GLN A 135 66.13 -8.96 26.15
N ILE A 136 66.03 -9.82 25.16
CA ILE A 136 67.17 -10.61 24.74
C ILE A 136 68.27 -9.70 24.18
N GLN A 137 67.89 -8.65 23.46
CA GLN A 137 68.87 -7.75 22.88
C GLN A 137 69.67 -7.05 23.97
N THR A 138 68.97 -6.56 24.99
CA THR A 138 69.65 -6.01 26.17
C THR A 138 70.58 -7.04 26.79
N ARG A 139 70.08 -8.26 26.98
CA ARG A 139 70.86 -9.33 27.57
C ARG A 139 72.11 -9.68 26.74
N LEU A 140 72.00 -9.57 25.43
CA LEU A 140 73.11 -9.87 24.53
C LEU A 140 74.16 -8.78 24.54
N SER A 141 73.73 -7.53 24.74
CA SER A 141 74.68 -6.44 24.78
C SER A 141 75.62 -6.59 25.96
N GLU A 142 75.04 -6.96 27.10
CA GLU A 142 75.79 -6.99 28.37
C GLU A 142 76.59 -8.30 28.46
N LEU A 143 76.51 -9.08 27.38
CA LEU A 143 77.16 -10.38 27.30
C LEU A 143 78.70 -10.34 27.16
N ASP A 144 79.39 -10.92 28.14
CA ASP A 144 80.81 -11.23 27.99
C ASP A 144 81.10 -11.46 26.52
N PRO A 145 82.01 -10.66 25.97
CA PRO A 145 82.16 -10.57 24.52
C PRO A 145 82.24 -11.95 23.86
N GLU A 146 83.01 -12.89 24.43
CA GLU A 146 82.97 -14.29 23.96
C GLU A 146 81.50 -14.62 23.57
N SER A 147 80.60 -15.10 24.46
CA SER A 147 80.83 -15.85 25.71
C SER A 147 80.26 -17.24 25.45
N PRO A 148 80.21 -18.13 26.47
CA PRO A 148 79.69 -19.45 26.09
C PRO A 148 78.23 -19.48 25.64
N GLU A 149 77.42 -18.50 26.08
CA GLU A 149 75.98 -18.50 25.77
C GLU A 149 75.54 -17.53 24.67
N LYS A 150 76.46 -16.71 24.17
CA LYS A 150 76.11 -15.73 23.13
C LYS A 150 75.56 -16.45 21.92
N LYS A 151 76.20 -17.53 21.50
CA LYS A 151 75.80 -18.23 20.27
C LYS A 151 74.31 -18.62 20.29
N LYS A 152 73.86 -19.10 21.44
CA LYS A 152 72.50 -19.60 21.59
C LYS A 152 71.46 -18.47 21.60
N LEU A 153 71.67 -17.46 22.44
CA LEU A 153 70.79 -16.28 22.45
C LEU A 153 70.66 -15.65 21.06
N SER A 154 71.78 -15.59 20.32
CA SER A 154 71.74 -15.03 18.98
C SER A 154 70.78 -15.80 18.09
N ARG A 155 70.77 -17.13 18.26
CA ARG A 155 69.87 -18.01 17.53
C ARG A 155 68.42 -17.86 17.97
N GLU A 156 68.21 -17.47 19.22
CA GLU A 156 66.85 -17.26 19.72
C GLU A 156 66.31 -15.93 19.21
N GLU A 157 67.22 -14.98 19.02
CA GLU A 157 66.82 -13.68 18.54
C GLU A 157 66.48 -13.72 17.06
N ILE A 158 67.13 -14.60 16.30
CA ILE A 158 66.78 -14.70 14.89
C ILE A 158 65.43 -15.37 14.78
N GLN A 159 65.14 -16.23 15.75
CA GLN A 159 63.87 -16.93 15.76
C GLN A 159 62.72 -16.00 16.16
N LEU A 160 62.93 -15.18 17.18
CA LEU A 160 61.89 -14.25 17.62
C LEU A 160 61.63 -13.23 16.53
N THR A 161 62.68 -12.93 15.77
CA THR A 161 62.56 -11.98 14.69
C THR A 161 61.73 -12.58 13.55
N ILE A 162 61.99 -13.84 13.21
CA ILE A 162 61.24 -14.53 12.18
C ILE A 162 59.76 -14.64 12.55
N LYS A 163 59.49 -14.77 13.85
CA LYS A 163 58.13 -14.90 14.33
C LYS A 163 57.41 -13.58 14.29
N LYS A 164 58.14 -12.52 14.66
CA LYS A 164 57.58 -11.17 14.69
C LYS A 164 57.30 -10.65 13.28
N ASP A 165 58.18 -10.92 12.31
CA ASP A 165 57.91 -10.54 10.92
C ASP A 165 56.65 -11.24 10.45
N ALA A 166 56.48 -12.50 10.79
CA ALA A 166 55.32 -13.26 10.33
C ALA A 166 54.03 -12.79 11.00
N ALA A 167 54.16 -12.30 12.23
CA ALA A 167 53.03 -11.78 12.98
C ALA A 167 52.64 -10.36 12.54
N VAL A 168 53.60 -9.63 11.98
CA VAL A 168 53.26 -8.32 11.43
C VAL A 168 52.46 -8.54 10.17
N LYS A 169 52.94 -9.48 9.34
CA LYS A 169 52.25 -9.86 8.13
C LYS A 169 50.81 -10.24 8.46
N ASP A 170 50.67 -11.18 9.39
CA ASP A 170 49.37 -11.74 9.68
C ASP A 170 48.44 -10.65 10.21
N ARG A 171 49.02 -9.71 10.95
CA ARG A 171 48.27 -8.57 11.47
C ARG A 171 47.69 -7.73 10.34
N THR A 172 48.51 -7.37 9.35
CA THR A 172 48.02 -6.54 8.26
C THR A 172 46.88 -7.25 7.52
N LEU A 173 46.98 -8.58 7.38
CA LEU A 173 45.92 -9.36 6.74
C LEU A 173 44.60 -9.16 7.47
N ILE A 174 44.63 -9.35 8.79
CA ILE A 174 43.43 -9.17 9.61
C ILE A 174 42.88 -7.76 9.47
N GLU A 175 43.76 -6.77 9.61
CA GLU A 175 43.36 -5.37 9.48
C GLU A 175 42.68 -5.14 8.14
N GLN A 176 43.19 -5.78 7.09
CA GLN A 176 42.61 -5.66 5.76
C GLN A 176 41.19 -6.19 5.73
N LYS A 177 41.00 -7.37 6.33
CA LYS A 177 39.67 -7.98 6.39
C LYS A 177 38.69 -7.10 7.15
N THR A 178 39.12 -6.60 8.31
CA THR A 178 38.34 -5.62 9.04
C THR A 178 37.81 -4.51 8.13
N LEU A 179 38.73 -3.87 7.42
CA LEU A 179 38.43 -2.74 6.55
C LEU A 179 37.51 -3.15 5.40
N SER A 180 37.72 -4.36 4.90
CA SER A 180 36.93 -4.95 3.83
C SER A 180 35.48 -5.16 4.28
N ILE A 181 35.33 -5.75 5.46
CA ILE A 181 34.01 -5.95 6.06
C ILE A 181 33.30 -4.61 6.23
N HIS A 182 34.01 -3.63 6.78
CA HIS A 182 33.49 -2.29 6.94
C HIS A 182 33.03 -1.74 5.61
N SER A 183 33.75 -2.06 4.55
CA SER A 183 33.38 -1.61 3.22
C SER A 183 32.08 -2.30 2.76
N LYS A 184 31.97 -3.59 3.05
CA LYS A 184 30.80 -4.35 2.75
C LYS A 184 29.57 -3.79 3.50
N LEU A 185 29.78 -3.32 4.73
CA LEU A 185 28.67 -2.73 5.49
C LEU A 185 28.22 -1.45 4.80
N THR A 186 29.20 -0.65 4.38
CA THR A 186 28.90 0.53 3.60
C THR A 186 28.14 0.18 2.32
N ASP A 187 28.53 -0.91 1.64
CA ASP A 187 27.74 -1.33 0.49
C ASP A 187 26.28 -1.61 0.86
N LYS A 188 26.07 -2.11 2.07
CA LYS A 188 24.70 -2.43 2.48
C LYS A 188 23.90 -1.15 2.68
N SER A 189 24.57 -0.07 3.09
CA SER A 189 23.87 1.19 3.24
C SER A 189 23.58 1.82 1.88
N MET A 190 24.45 1.57 0.90
CA MET A 190 24.19 2.01 -0.46
C MET A 190 23.04 1.25 -1.10
N GLN A 191 23.05 -0.07 -0.95
CA GLN A 191 21.97 -0.90 -1.47
C GLN A 191 20.64 -0.46 -0.90
N LEU A 192 20.64 -0.09 0.39
CA LEU A 192 19.42 0.32 1.06
C LEU A 192 18.87 1.61 0.45
N GLU A 193 19.74 2.61 0.28
CA GLU A 193 19.36 3.84 -0.40
C GLU A 193 18.80 3.58 -1.81
N LYS A 194 19.45 2.68 -2.55
CA LYS A 194 19.02 2.33 -3.89
C LYS A 194 17.56 1.90 -3.86
N GLU A 195 17.23 0.97 -2.96
CA GLU A 195 15.89 0.44 -2.82
C GLU A 195 14.88 1.51 -2.43
N ILE A 196 15.26 2.39 -1.49
CA ILE A 196 14.38 3.46 -1.06
C ILE A 196 14.09 4.42 -2.21
N ASP A 197 15.11 4.71 -3.02
CA ASP A 197 14.98 5.69 -4.09
C ASP A 197 14.14 5.17 -5.25
N SER A 198 14.00 3.86 -5.37
CA SER A 198 13.25 3.32 -6.47
C SER A 198 11.92 2.74 -5.99
N PHE A 199 11.54 3.02 -4.75
CA PHE A 199 10.32 2.45 -4.22
C PHE A 199 9.09 2.86 -5.05
N ASN B 49 7.61 -6.64 10.14
CA ASN B 49 7.01 -5.60 9.32
C ASN B 49 8.10 -4.75 8.68
N ALA B 50 7.93 -4.40 7.41
CA ALA B 50 8.97 -3.70 6.63
C ALA B 50 9.48 -2.41 7.27
N SER B 51 8.56 -1.64 7.84
CA SER B 51 8.90 -0.38 8.51
C SER B 51 9.75 -0.56 9.77
N SER B 52 9.42 -1.55 10.58
CA SER B 52 10.15 -1.80 11.80
C SER B 52 11.46 -2.50 11.47
N GLN B 53 11.42 -3.41 10.50
CA GLN B 53 12.62 -4.05 9.99
C GLN B 53 13.60 -2.98 9.49
N LEU B 54 13.05 -1.95 8.86
CA LEU B 54 13.87 -0.87 8.32
C LEU B 54 14.45 0.00 9.45
N THR B 55 13.70 0.18 10.53
CA THR B 55 14.21 0.88 11.70
C THR B 55 15.42 0.12 12.24
N LEU B 56 15.23 -1.17 12.51
CA LEU B 56 16.29 -2.02 13.03
C LEU B 56 17.51 -1.99 12.10
N LEU B 57 17.25 -1.96 10.80
CA LEU B 57 18.31 -1.94 9.80
C LEU B 57 19.19 -0.69 9.83
N ILE B 58 18.55 0.48 9.78
CA ILE B 58 19.26 1.75 9.79
C ILE B 58 19.96 1.89 11.14
N GLY B 59 19.29 1.49 12.20
CA GLY B 59 19.84 1.57 13.54
C GLY B 59 21.17 0.84 13.63
N ASN B 60 21.22 -0.37 13.06
CA ASN B 60 22.44 -1.17 13.07
C ASN B 60 23.53 -0.52 12.22
N LEU B 61 23.13 -0.01 11.05
CA LEU B 61 24.05 0.72 10.18
C LEU B 61 24.56 2.03 10.77
N ILE B 62 23.74 2.69 11.56
CA ILE B 62 24.15 3.96 12.17
C ILE B 62 25.15 3.69 13.29
N GLN B 63 24.99 2.57 13.98
CA GLN B 63 25.88 2.23 15.08
C GLN B 63 27.28 1.92 14.58
N ILE B 64 27.36 1.12 13.53
CA ILE B 64 28.64 0.72 12.95
C ILE B 64 29.29 1.79 12.09
N LEU B 65 28.48 2.52 11.33
CA LEU B 65 29.03 3.35 10.27
C LEU B 65 29.16 4.82 10.67
N GLY B 66 28.57 5.19 11.79
CA GLY B 66 28.50 6.59 12.21
C GLY B 66 27.26 7.25 11.65
N GLU B 67 26.55 8.01 12.48
CA GLU B 67 25.31 8.62 12.03
C GLU B 67 25.58 9.78 11.07
N LYS B 68 26.79 10.31 11.14
CA LYS B 68 27.10 11.49 10.33
C LYS B 68 27.01 11.20 8.84
N SER B 69 27.57 10.08 8.41
CA SER B 69 27.64 9.76 7.00
C SER B 69 26.30 9.28 6.42
N LEU B 70 25.30 9.10 7.28
CA LEU B 70 24.07 8.44 6.87
C LEU B 70 22.83 9.33 7.03
N THR B 71 23.04 10.58 7.41
CA THR B 71 21.91 11.46 7.68
C THR B 71 20.95 11.54 6.49
N ALA B 72 21.48 11.49 5.26
CA ALA B 72 20.61 11.64 4.08
C ALA B 72 19.80 10.38 3.84
N LEU B 73 20.43 9.23 4.07
CA LEU B 73 19.71 7.97 3.98
C LEU B 73 18.59 7.91 5.02
N THR B 74 18.91 8.34 6.25
CA THR B 74 17.98 8.29 7.36
C THR B 74 16.79 9.21 7.18
N ASN B 75 17.02 10.37 6.56
CA ASN B 75 15.94 11.29 6.25
C ASN B 75 15.02 10.68 5.20
N LYS B 76 15.63 10.01 4.21
CA LYS B 76 14.87 9.30 3.20
C LYS B 76 14.03 8.19 3.83
N ILE B 77 14.62 7.54 4.82
CA ILE B 77 13.97 6.44 5.52
C ILE B 77 12.80 6.93 6.36
N THR B 78 13.00 8.01 7.12
CA THR B 78 11.92 8.56 7.94
C THR B 78 10.77 9.10 7.07
N ALA B 79 11.10 9.61 5.88
CA ALA B 79 10.10 10.02 4.89
C ALA B 79 9.34 8.79 4.40
N TRP B 80 10.08 7.72 4.14
CA TRP B 80 9.49 6.49 3.63
C TRP B 80 8.48 5.91 4.62
N LYS B 81 8.89 5.79 5.87
CA LYS B 81 8.03 5.29 6.94
C LYS B 81 6.76 6.13 7.04
N SER B 82 6.96 7.44 6.90
CA SER B 82 5.90 8.41 6.91
C SER B 82 4.88 8.12 5.78
N GLN B 83 5.37 8.12 4.54
CA GLN B 83 4.58 7.78 3.36
C GLN B 83 3.85 6.46 3.52
N GLN B 84 4.56 5.39 3.87
CA GLN B 84 3.89 4.12 4.16
C GLN B 84 2.72 4.28 5.12
N GLN B 85 2.95 4.98 6.23
CA GLN B 85 1.90 5.23 7.22
C GLN B 85 0.70 5.98 6.60
N ALA B 86 0.97 7.02 5.83
CA ALA B 86 -0.09 7.74 5.13
C ALA B 86 -0.87 6.78 4.24
N ARG B 87 -0.16 6.06 3.39
CA ARG B 87 -0.76 5.10 2.46
C ARG B 87 -1.62 4.02 3.13
N GLN B 88 -1.19 3.45 4.25
CA GLN B 88 -2.04 2.48 4.94
C GLN B 88 -3.32 3.11 5.48
N GLN B 89 -3.25 4.40 5.82
CA GLN B 89 -4.39 5.10 6.38
C GLN B 89 -5.37 5.42 5.27
N LYS B 90 -4.84 5.91 4.16
CA LYS B 90 -5.63 6.14 2.97
C LYS B 90 -6.38 4.87 2.57
N ASN B 91 -5.66 3.77 2.42
CA ASN B 91 -6.26 2.50 2.04
C ASN B 91 -7.43 2.13 2.95
N LEU B 92 -7.24 2.35 4.25
CA LEU B 92 -8.28 2.03 5.22
C LEU B 92 -9.50 2.94 5.07
N GLU B 93 -9.25 4.25 4.97
CA GLU B 93 -10.32 5.21 4.80
C GLU B 93 -11.09 4.89 3.50
N PHE B 94 -10.35 4.71 2.42
CA PHE B 94 -10.93 4.41 1.11
C PHE B 94 -11.83 3.18 1.21
N SER B 95 -11.30 2.10 1.78
CA SER B 95 -12.08 0.88 1.92
C SER B 95 -13.44 1.15 2.59
N ASP B 96 -13.42 1.87 3.72
CA ASP B 96 -14.64 2.16 4.48
C ASP B 96 -15.60 3.03 3.67
N LYS B 97 -15.06 4.04 3.03
CA LYS B 97 -15.82 4.95 2.17
C LYS B 97 -16.51 4.18 1.05
N ILE B 98 -15.77 3.27 0.42
CA ILE B 98 -16.32 2.47 -0.68
C ILE B 98 -17.41 1.54 -0.16
N ASN B 99 -17.22 1.03 1.04
CA ASN B 99 -18.22 0.17 1.65
C ASN B 99 -19.51 0.96 1.82
N THR B 100 -19.39 2.13 2.44
CA THR B 100 -20.54 2.97 2.68
C THR B 100 -21.24 3.34 1.37
N LEU B 101 -20.46 3.66 0.35
CA LEU B 101 -20.99 3.96 -0.97
C LEU B 101 -21.72 2.78 -1.57
N LEU B 102 -21.11 1.59 -1.47
CA LEU B 102 -21.72 0.39 -2.02
C LEU B 102 -23.04 0.13 -1.30
N SER B 103 -22.99 0.22 0.02
CA SER B 103 -24.16 0.10 0.88
C SER B 103 -25.29 1.04 0.47
N GLU B 104 -24.98 2.34 0.37
CA GLU B 104 -25.98 3.35 0.05
C GLU B 104 -26.54 3.06 -1.33
N THR B 105 -25.67 2.59 -2.22
CA THR B 105 -26.02 2.38 -3.61
C THR B 105 -26.91 1.15 -3.81
N GLU B 106 -26.65 0.10 -3.05
CA GLU B 106 -27.48 -1.09 -3.14
C GLU B 106 -28.89 -0.77 -2.65
N GLY B 107 -28.99 0.06 -1.62
CA GLY B 107 -30.30 0.51 -1.15
C GLY B 107 -31.06 1.29 -2.21
N LEU B 108 -30.44 2.36 -2.69
CA LEU B 108 -31.05 3.24 -3.68
C LEU B 108 -31.41 2.47 -4.94
N THR B 109 -30.58 1.50 -5.29
CA THR B 109 -30.88 0.67 -6.44
C THR B 109 -32.19 -0.07 -6.19
N ARG B 110 -32.35 -0.57 -4.97
CA ARG B 110 -33.55 -1.31 -4.56
C ARG B 110 -34.80 -0.44 -4.65
N ASP B 111 -34.70 0.80 -4.15
CA ASP B 111 -35.79 1.74 -4.26
C ASP B 111 -36.12 1.98 -5.72
N TYR B 112 -35.07 2.20 -6.52
CA TYR B 112 -35.25 2.55 -7.92
C TYR B 112 -35.98 1.44 -8.67
N GLU B 113 -35.71 0.21 -8.25
CA GLU B 113 -36.32 -0.94 -8.90
C GLU B 113 -37.79 -1.05 -8.52
N LYS B 114 -38.09 -0.74 -7.27
CA LYS B 114 -39.46 -0.81 -6.78
C LYS B 114 -40.29 0.29 -7.43
N GLN B 115 -39.68 1.46 -7.60
CA GLN B 115 -40.38 2.62 -8.13
C GLN B 115 -40.68 2.42 -9.60
N ILE B 116 -39.70 1.89 -10.34
CA ILE B 116 -39.91 1.60 -11.74
C ILE B 116 -41.10 0.64 -11.95
N ASN B 117 -41.22 -0.38 -11.10
CA ASN B 117 -42.33 -1.32 -11.24
C ASN B 117 -43.69 -0.71 -10.88
N LYS B 118 -43.70 0.20 -9.91
CA LYS B 118 -44.92 0.93 -9.58
C LYS B 118 -45.33 1.85 -10.72
N LEU B 119 -44.35 2.53 -11.30
CA LEU B 119 -44.56 3.34 -12.50
C LEU B 119 -45.17 2.47 -13.59
N LYS B 120 -44.59 1.30 -13.80
CA LYS B 120 -45.13 0.37 -14.78
C LYS B 120 -46.61 0.01 -14.48
N ASN B 121 -46.94 -0.12 -13.19
CA ASN B 121 -48.31 -0.41 -12.77
C ASN B 121 -49.24 0.79 -12.90
N ALA B 122 -48.78 1.96 -12.50
CA ALA B 122 -49.52 3.18 -12.78
C ALA B 122 -49.84 3.30 -14.28
N ASP B 123 -48.89 2.94 -15.14
CA ASP B 123 -49.09 3.08 -16.58
C ASP B 123 -50.26 2.23 -17.04
N SER B 124 -50.28 0.97 -16.58
CA SER B 124 -51.29 0.03 -17.02
C SER B 124 -52.65 0.37 -16.45
N LYS B 125 -52.65 0.83 -15.21
CA LYS B 125 -53.88 1.24 -14.57
C LYS B 125 -54.46 2.42 -15.34
N ILE B 126 -53.60 3.37 -15.68
CA ILE B 126 -54.03 4.56 -16.38
C ILE B 126 -54.55 4.24 -17.77
N LYS B 127 -53.81 3.37 -18.47
CA LYS B 127 -54.18 2.93 -19.79
C LYS B 127 -55.51 2.19 -19.74
N ASP B 128 -55.65 1.27 -18.79
CA ASP B 128 -56.93 0.59 -18.58
C ASP B 128 -58.12 1.56 -18.50
N LEU B 129 -57.99 2.59 -17.67
CA LEU B 129 -59.07 3.53 -17.45
C LEU B 129 -59.35 4.38 -18.68
N GLU B 130 -58.29 4.80 -19.36
CA GLU B 130 -58.46 5.63 -20.55
C GLU B 130 -59.27 4.85 -21.60
N ASN B 131 -59.00 3.55 -21.66
CA ASN B 131 -59.77 2.63 -22.49
C ASN B 131 -61.23 2.68 -22.08
N LYS B 132 -61.51 2.39 -20.81
CA LYS B 132 -62.89 2.31 -20.35
C LYS B 132 -63.62 3.61 -20.64
N ILE B 133 -62.94 4.73 -20.39
CA ILE B 133 -63.53 6.04 -20.59
C ILE B 133 -63.89 6.28 -22.05
N ASN B 134 -62.99 5.91 -22.97
CA ASN B 134 -63.32 6.12 -24.37
C ASN B 134 -64.43 5.19 -24.87
N GLN B 135 -64.55 4.01 -24.26
CA GLN B 135 -65.59 3.06 -24.66
C GLN B 135 -66.96 3.55 -24.24
N ILE B 136 -67.03 4.08 -23.03
CA ILE B 136 -68.28 4.61 -22.51
C ILE B 136 -68.64 5.91 -23.23
N GLN B 137 -67.64 6.67 -23.65
CA GLN B 137 -67.92 7.90 -24.37
C GLN B 137 -68.48 7.59 -25.75
N THR B 138 -68.02 6.50 -26.35
CA THR B 138 -68.51 6.08 -27.65
C THR B 138 -69.96 5.61 -27.50
N ARG B 139 -70.16 4.68 -26.57
CA ARG B 139 -71.50 4.17 -26.27
C ARG B 139 -72.46 5.32 -26.00
N LEU B 140 -72.03 6.30 -25.19
CA LEU B 140 -72.85 7.47 -24.87
C LEU B 140 -73.21 8.29 -26.10
N SER B 141 -72.41 8.21 -27.15
CA SER B 141 -72.69 8.98 -28.36
C SER B 141 -73.66 8.23 -29.27
N GLU B 142 -73.88 6.96 -28.97
CA GLU B 142 -74.74 6.12 -29.81
C GLU B 142 -76.09 5.98 -29.12
N LEU B 143 -76.16 6.53 -27.90
CA LEU B 143 -77.34 6.45 -27.08
C LEU B 143 -78.48 7.32 -27.59
N ASP B 144 -79.67 7.11 -27.03
CA ASP B 144 -80.90 7.84 -27.37
C ASP B 144 -80.94 9.19 -26.57
N PRO B 145 -82.14 9.75 -26.32
CA PRO B 145 -82.14 10.98 -25.52
C PRO B 145 -81.67 10.77 -24.09
N GLU B 146 -82.49 11.22 -23.14
CA GLU B 146 -82.20 11.01 -21.72
C GLU B 146 -83.43 10.47 -20.96
N SER B 147 -83.33 9.19 -20.59
CA SER B 147 -82.15 8.42 -21.02
C SER B 147 -82.51 7.08 -21.67
N PRO B 148 -83.06 6.13 -20.89
CA PRO B 148 -83.25 6.00 -19.44
C PRO B 148 -81.96 5.55 -18.74
N GLU B 149 -80.94 5.23 -19.53
CA GLU B 149 -79.65 4.86 -18.97
C GLU B 149 -78.53 5.84 -19.27
N LYS B 150 -78.84 6.92 -19.98
CA LYS B 150 -77.86 7.97 -20.20
C LYS B 150 -77.29 8.44 -18.85
N LYS B 151 -78.17 8.66 -17.88
CA LYS B 151 -77.75 9.18 -16.57
C LYS B 151 -76.76 8.27 -15.86
N LYS B 152 -76.99 6.97 -15.91
CA LYS B 152 -76.11 6.03 -15.19
C LYS B 152 -74.77 5.94 -15.90
N LEU B 153 -74.82 5.97 -17.23
CA LEU B 153 -73.59 5.94 -18.02
C LEU B 153 -72.81 7.21 -17.80
N SER B 154 -73.50 8.35 -17.81
CA SER B 154 -72.86 9.63 -17.56
C SER B 154 -72.17 9.63 -16.21
N ARG B 155 -72.88 9.11 -15.20
CA ARG B 155 -72.34 9.06 -13.87
C ARG B 155 -71.09 8.19 -13.90
N GLU B 156 -71.21 7.03 -14.55
CA GLU B 156 -70.10 6.10 -14.66
C GLU B 156 -68.88 6.76 -15.30
N GLU B 157 -69.11 7.52 -16.36
CA GLU B 157 -68.01 8.18 -17.07
C GLU B 157 -67.35 9.25 -16.20
N ILE B 158 -68.15 9.88 -15.34
CA ILE B 158 -67.61 10.87 -14.41
C ILE B 158 -66.74 10.22 -13.32
N GLN B 159 -67.16 9.07 -12.81
CA GLN B 159 -66.41 8.34 -11.78
C GLN B 159 -65.06 7.94 -12.35
N LEU B 160 -65.11 7.29 -13.51
CA LEU B 160 -63.93 6.83 -14.21
C LEU B 160 -62.94 7.97 -14.41
N THR B 161 -63.44 9.11 -14.86
CA THR B 161 -62.58 10.24 -15.15
C THR B 161 -61.87 10.77 -13.90
N ILE B 162 -62.60 10.82 -12.79
CA ILE B 162 -62.00 11.17 -11.51
C ILE B 162 -60.88 10.20 -11.09
N LYS B 163 -61.15 8.90 -11.13
CA LYS B 163 -60.16 7.87 -10.84
C LYS B 163 -58.92 8.02 -11.71
N LYS B 164 -59.14 8.09 -13.02
CA LYS B 164 -58.05 8.25 -13.97
C LYS B 164 -57.20 9.47 -13.64
N ASP B 165 -57.87 10.58 -13.29
CA ASP B 165 -57.14 11.81 -13.00
C ASP B 165 -56.31 11.70 -11.71
N ALA B 166 -56.87 11.00 -10.73
CA ALA B 166 -56.19 10.73 -9.46
C ALA B 166 -55.00 9.82 -9.73
N ALA B 167 -55.21 8.87 -10.64
CA ALA B 167 -54.21 7.88 -11.03
C ALA B 167 -53.03 8.59 -11.67
N VAL B 168 -53.32 9.45 -12.64
CA VAL B 168 -52.31 10.29 -13.27
C VAL B 168 -51.47 11.07 -12.25
N LYS B 169 -52.13 11.71 -11.28
CA LYS B 169 -51.42 12.44 -10.24
C LYS B 169 -50.54 11.54 -9.39
N ASP B 170 -50.96 10.29 -9.18
CA ASP B 170 -50.16 9.30 -8.48
C ASP B 170 -48.91 8.98 -9.29
N ARG B 171 -49.11 8.85 -10.59
CA ARG B 171 -48.01 8.59 -11.49
C ARG B 171 -46.95 9.67 -11.35
N THR B 172 -47.38 10.93 -11.44
CA THR B 172 -46.46 12.05 -11.31
C THR B 172 -45.63 11.92 -10.04
N LEU B 173 -46.29 11.63 -8.91
CA LEU B 173 -45.58 11.46 -7.64
C LEU B 173 -44.52 10.38 -7.77
N ILE B 174 -44.92 9.18 -8.20
CA ILE B 174 -43.97 8.11 -8.45
C ILE B 174 -42.84 8.56 -9.38
N GLU B 175 -43.20 9.25 -10.46
CA GLU B 175 -42.20 9.63 -11.44
C GLU B 175 -41.14 10.50 -10.81
N GLN B 176 -41.55 11.41 -9.94
CA GLN B 176 -40.63 12.32 -9.27
C GLN B 176 -39.72 11.61 -8.30
N LYS B 177 -40.31 10.69 -7.55
CA LYS B 177 -39.54 9.79 -6.70
C LYS B 177 -38.43 9.14 -7.49
N THR B 178 -38.79 8.56 -8.63
CA THR B 178 -37.83 7.93 -9.53
C THR B 178 -36.71 8.89 -9.89
N LEU B 179 -37.08 10.09 -10.33
CA LEU B 179 -36.07 11.08 -10.69
C LEU B 179 -35.15 11.41 -9.51
N SER B 180 -35.75 11.52 -8.33
CA SER B 180 -35.01 11.83 -7.12
C SER B 180 -33.96 10.76 -6.81
N ILE B 181 -34.35 9.51 -7.03
CA ILE B 181 -33.52 8.38 -6.73
C ILE B 181 -32.37 8.26 -7.73
N HIS B 182 -32.71 8.37 -9.01
CA HIS B 182 -31.74 8.39 -10.09
C HIS B 182 -30.74 9.50 -9.84
N SER B 183 -31.25 10.62 -9.34
CA SER B 183 -30.46 11.79 -9.04
C SER B 183 -29.40 11.49 -7.95
N LYS B 184 -29.81 10.76 -6.91
CA LYS B 184 -28.93 10.40 -5.81
C LYS B 184 -27.90 9.35 -6.21
N LEU B 185 -28.31 8.44 -7.08
CA LEU B 185 -27.42 7.46 -7.68
C LEU B 185 -26.30 8.17 -8.44
N THR B 186 -26.69 9.20 -9.19
CA THR B 186 -25.74 10.04 -9.88
C THR B 186 -24.81 10.72 -8.89
N ASP B 187 -25.38 11.23 -7.80
CA ASP B 187 -24.55 11.76 -6.71
C ASP B 187 -23.45 10.77 -6.30
N LYS B 188 -23.82 9.51 -6.10
CA LYS B 188 -22.85 8.49 -5.65
C LYS B 188 -21.70 8.32 -6.65
N SER B 189 -22.03 8.24 -7.93
CA SER B 189 -21.01 8.14 -8.95
C SER B 189 -19.97 9.26 -8.76
N MET B 190 -20.47 10.47 -8.57
CA MET B 190 -19.61 11.64 -8.41
C MET B 190 -18.82 11.64 -7.12
N GLN B 191 -19.45 11.21 -6.03
CA GLN B 191 -18.78 11.03 -4.75
C GLN B 191 -17.62 10.06 -4.94
N LEU B 192 -17.89 8.97 -5.65
CA LEU B 192 -16.89 7.94 -5.90
C LEU B 192 -15.74 8.47 -6.74
N GLU B 193 -16.05 9.23 -7.79
CA GLU B 193 -15.01 9.79 -8.61
C GLU B 193 -14.12 10.68 -7.77
N LYS B 194 -14.73 11.43 -6.88
CA LYS B 194 -13.99 12.31 -5.99
C LYS B 194 -13.08 11.52 -5.06
N GLU B 195 -13.57 10.37 -4.58
CA GLU B 195 -12.76 9.51 -3.74
C GLU B 195 -11.58 8.97 -4.52
N ILE B 196 -11.85 8.51 -5.74
CA ILE B 196 -10.79 7.94 -6.57
C ILE B 196 -9.71 8.98 -6.91
N ASP B 197 -10.16 10.14 -7.43
CA ASP B 197 -9.24 11.23 -7.74
C ASP B 197 -8.39 11.63 -6.54
N SER B 198 -8.99 11.56 -5.36
CA SER B 198 -8.28 11.96 -4.16
C SER B 198 -7.51 10.79 -3.57
N PHE B 199 -7.12 9.83 -4.40
CA PHE B 199 -6.41 8.68 -3.88
C PHE B 199 -4.92 8.73 -4.17
#